data_7TGU
#
_entry.id   7TGU
#
_cell.length_a   40.195
_cell.length_b   60.141
_cell.length_c   66.264
_cell.angle_alpha   90.000
_cell.angle_beta   90.000
_cell.angle_gamma   90.000
#
_symmetry.space_group_name_H-M   'P 21 21 21'
#
loop_
_entity.id
_entity.type
_entity.pdbx_description
1 polymer 'Peptidyl-prolyl cis-trans isomerase F, mitochondrial'
2 non-polymer (4S,7S,11R,13E,19S)-N-[2-(2-aminoethoxy)ethyl]-4-[(4-benzoylphenyl)methyl]-7-benzyl-3,6,12,15,21-pentaoxo-1,3,4,5,6,7,8,9,10,12,15,16,17,18,19,20,21,22-octadecahydro-2H-7,11-methano-2,5,11,16,20-benzopentaazacyclotetracosine-19-carboxamide
3 water water
#
_entity_poly.entity_id   1
_entity_poly.type   'polypeptide(L)'
_entity_poly.pdbx_seq_one_letter_code
;ANPLVYLDVDANGKPLGRVVLELKADVVPKTAENFRALCTGEKGFGYKGSTFHRVIPSFMCQAGDFTNHNGTGGKSIYGS
RFPDENFTLKHVGPGVLSMANAGPNTNGSQFFICTIKTDWLDGKHVVFGHVIEGMDVVKKIESFGSKSGRTSKKIVITDC
GQLS
;
_entity_poly.pdbx_strand_id   X
#
loop_
_chem_comp.id
_chem_comp.type
_chem_comp.name
_chem_comp.formula
I44 non-polymer (4S,7S,11R,13E,19S)-N-[2-(2-aminoethoxy)ethyl]-4-[(4-benzoylphenyl)methyl]-7-benzyl-3,6,12,15,21-pentaoxo-1,3,4,5,6,7,8,9,10,12,15,16,17,18,19,20,21,22-octadecahydro-2H-7,11-methano-2,5,11,16,20-benzopentaazacyclotetracosine-19-carboxamide 'C50 H57 N7 O8'
#
# COMPACT_ATOMS: atom_id res chain seq x y z
N ALA A 1 20.27 3.00 7.17
CA ALA A 1 19.33 1.90 7.40
C ALA A 1 18.03 2.13 6.66
N ASN A 2 17.39 1.06 6.22
CA ASN A 2 16.12 1.20 5.53
C ASN A 2 15.08 1.77 6.50
N PRO A 3 14.25 2.68 6.03
CA PRO A 3 13.22 3.25 6.92
C PRO A 3 12.17 2.22 7.27
N LEU A 4 11.64 2.37 8.47
CA LEU A 4 10.48 1.64 8.95
C LEU A 4 9.32 2.62 9.09
N VAL A 5 8.16 2.22 8.61
CA VAL A 5 6.96 3.05 8.71
C VAL A 5 5.81 2.19 9.23
N TYR A 6 4.73 2.85 9.62
CA TYR A 6 3.59 2.14 10.18
C TYR A 6 2.29 2.65 9.58
N LEU A 7 1.31 1.73 9.54
CA LEU A 7 -0.10 2.03 9.26
C LEU A 7 -0.91 1.49 10.43
N ASP A 8 -1.69 2.35 11.07
CA ASP A 8 -2.67 1.94 12.07
C ASP A 8 -4.02 1.88 11.38
N VAL A 9 -4.72 0.74 11.51
CA VAL A 9 -5.87 0.45 10.68
C VAL A 9 -7.07 0.12 11.56
N ASP A 10 -8.23 0.69 11.20
CA ASP A 10 -9.51 0.40 11.83
C ASP A 10 -10.41 -0.33 10.85
N ALA A 11 -11.36 -1.10 11.38
CA ALA A 11 -12.48 -1.64 10.61
C ALA A 11 -13.75 -1.19 11.31
N ASN A 12 -14.59 -0.44 10.59
CA ASN A 12 -15.82 0.10 11.16
C ASN A 12 -15.53 0.81 12.49
N GLY A 13 -14.46 1.60 12.51
CA GLY A 13 -14.11 2.37 13.69
C GLY A 13 -13.50 1.57 14.82
N LYS A 14 -13.27 0.27 14.63
CA LYS A 14 -12.68 -0.60 15.65
C LYS A 14 -11.23 -0.86 15.27
N PRO A 15 -10.26 -0.62 16.16
CA PRO A 15 -8.85 -0.84 15.78
C PRO A 15 -8.55 -2.30 15.46
N LEU A 16 -7.86 -2.51 14.35
CA LEU A 16 -7.30 -3.81 14.01
C LEU A 16 -5.85 -3.96 14.46
N GLY A 17 -5.15 -2.85 14.66
CA GLY A 17 -3.76 -2.88 15.05
C GLY A 17 -2.87 -2.17 14.05
N ARG A 18 -1.57 -2.36 14.24
CA ARG A 18 -0.55 -1.64 13.50
C ARG A 18 0.22 -2.58 12.59
N VAL A 19 0.39 -2.17 11.34
CA VAL A 19 1.26 -2.86 10.38
C VAL A 19 2.58 -2.10 10.34
N VAL A 20 3.68 -2.80 10.56
CA VAL A 20 5.03 -2.23 10.47
C VAL A 20 5.66 -2.69 9.16
N LEU A 21 6.14 -1.74 8.37
CA LEU A 21 6.67 -2.01 7.03
C LEU A 21 8.11 -1.53 6.95
N GLU A 22 8.99 -2.37 6.41
CA GLU A 22 10.33 -1.96 6.04
C GLU A 22 10.33 -1.56 4.58
N LEU A 23 10.87 -0.38 4.29
CA LEU A 23 10.97 0.13 2.93
C LEU A 23 12.38 -0.08 2.41
N LYS A 24 12.50 -0.71 1.24
CA LYS A 24 13.79 -1.11 0.69
C LYS A 24 14.43 0.05 -0.08
N ALA A 25 14.78 1.09 0.69
CA ALA A 25 15.42 2.27 0.12
C ALA A 25 16.78 1.96 -0.47
N ASP A 26 17.40 0.87 -0.03
CA ASP A 26 18.65 0.43 -0.61
C ASP A 26 18.49 0.04 -2.08
N VAL A 27 17.39 -0.61 -2.45
CA VAL A 27 17.17 -1.14 -3.80
C VAL A 27 16.34 -0.19 -4.65
N VAL A 28 15.32 0.44 -4.06
CA VAL A 28 14.40 1.36 -4.76
C VAL A 28 14.29 2.64 -3.95
N PRO A 29 15.36 3.43 -3.90
CA PRO A 29 15.32 4.65 -3.08
C PRO A 29 14.19 5.60 -3.43
N LYS A 30 13.89 5.78 -4.71
CA LYS A 30 12.90 6.77 -5.08
C LYS A 30 11.49 6.30 -4.72
N THR A 31 11.22 5.02 -4.93
CA THR A 31 9.90 4.48 -4.61
C THR A 31 9.72 4.39 -3.11
N ALA A 32 10.76 4.00 -2.39
CA ALA A 32 10.68 3.99 -0.93
C ALA A 32 10.42 5.39 -0.37
N GLU A 33 11.11 6.41 -0.90
CA GLU A 33 10.94 7.76 -0.37
C GLU A 33 9.53 8.26 -0.59
N ASN A 34 8.93 7.98 -1.75
CA ASN A 34 7.56 8.38 -1.99
C ASN A 34 6.65 7.84 -0.90
N PHE A 35 6.73 6.52 -0.65
CA PHE A 35 5.87 5.91 0.37
C PHE A 35 6.12 6.51 1.74
N ARG A 36 7.40 6.67 2.10
CA ARG A 36 7.75 7.21 3.41
C ARG A 36 7.15 8.59 3.59
N ALA A 37 7.32 9.45 2.60
CA ALA A 37 6.80 10.82 2.69
C ALA A 37 5.29 10.86 2.69
N LEU A 38 4.63 9.91 2.01
CA LEU A 38 3.16 9.87 2.08
C LEU A 38 2.68 9.37 3.45
N CYS A 39 3.49 8.56 4.13
CA CYS A 39 3.16 8.17 5.49
C CYS A 39 3.31 9.32 6.46
N THR A 40 4.33 10.16 6.29
CA THR A 40 4.51 11.26 7.23
C THR A 40 3.68 12.48 6.85
N GLY A 41 3.23 12.57 5.60
CA GLY A 41 2.49 13.74 5.16
C GLY A 41 3.32 14.97 4.90
N GLU A 42 4.63 14.83 4.73
CA GLU A 42 5.52 15.98 4.71
C GLU A 42 5.31 16.91 3.52
N LYS A 43 4.74 16.43 2.41
CA LYS A 43 4.45 17.30 1.29
C LYS A 43 3.07 17.94 1.35
N GLY A 44 2.31 17.70 2.41
CA GLY A 44 1.00 18.31 2.57
C GLY A 44 -0.13 17.40 2.21
N PHE A 45 0.16 16.15 1.87
CA PHE A 45 -0.86 15.15 1.56
C PHE A 45 -0.26 13.80 1.85
N GLY A 46 -1.11 12.78 1.94
CA GLY A 46 -0.62 11.44 2.21
C GLY A 46 -1.75 10.53 2.66
N TYR A 47 -1.33 9.42 3.28
CA TYR A 47 -2.23 8.31 3.50
C TYR A 47 -3.13 8.46 4.71
N LYS A 48 -2.83 9.34 5.64
CA LYS A 48 -3.63 9.38 6.86
C LYS A 48 -5.10 9.65 6.52
N GLY A 49 -5.99 8.78 7.01
CA GLY A 49 -7.40 8.92 6.81
C GLY A 49 -7.96 8.21 5.60
N SER A 50 -7.12 7.70 4.71
CA SER A 50 -7.60 7.02 3.52
C SER A 50 -7.83 5.54 3.83
N THR A 51 -8.32 4.81 2.84
CA THR A 51 -8.91 3.49 3.06
C THR A 51 -8.17 2.41 2.29
N PHE A 52 -8.36 1.17 2.72
CA PHE A 52 -8.11 -0.01 1.89
C PHE A 52 -9.39 -0.20 1.08
N HIS A 53 -9.35 0.19 -0.19
CA HIS A 53 -10.55 0.24 -1.00
C HIS A 53 -10.77 -1.03 -1.82
N ARG A 54 -9.76 -1.87 -2.00
CA ARG A 54 -9.92 -3.10 -2.76
CA ARG A 54 -9.91 -3.10 -2.76
C ARG A 54 -9.14 -4.19 -2.04
N VAL A 55 -9.84 -5.18 -1.52
CA VAL A 55 -9.25 -6.24 -0.70
C VAL A 55 -9.80 -7.54 -1.22
N ILE A 56 -8.91 -8.40 -1.73
CA ILE A 56 -9.30 -9.64 -2.38
C ILE A 56 -8.67 -10.79 -1.61
N PRO A 57 -9.44 -11.66 -0.99
CA PRO A 57 -8.85 -12.76 -0.23
C PRO A 57 -7.94 -13.62 -1.10
N SER A 58 -6.87 -14.09 -0.48
CA SER A 58 -5.87 -14.92 -1.16
C SER A 58 -5.26 -14.22 -2.36
N PHE A 59 -5.16 -12.90 -2.30
CA PHE A 59 -4.48 -12.10 -3.31
C PHE A 59 -3.74 -10.96 -2.63
N MET A 60 -4.44 -9.86 -2.33
CA MET A 60 -3.77 -8.69 -1.78
C MET A 60 -4.79 -7.72 -1.19
N CYS A 61 -4.28 -6.78 -0.39
CA CYS A 61 -5.03 -5.65 0.17
C CYS A 61 -4.45 -4.36 -0.39
N GLN A 62 -5.30 -3.55 -1.03
CA GLN A 62 -4.87 -2.37 -1.78
C GLN A 62 -5.42 -1.10 -1.14
N ALA A 63 -4.59 -0.06 -1.10
CA ALA A 63 -4.92 1.19 -0.46
C ALA A 63 -4.21 2.33 -1.18
N GLY A 64 -4.34 3.54 -0.63
CA GLY A 64 -3.56 4.68 -1.04
C GLY A 64 -4.22 5.62 -2.02
N ASP A 65 -5.47 5.40 -2.39
CA ASP A 65 -6.19 6.33 -3.28
C ASP A 65 -6.84 7.40 -2.41
N PHE A 66 -6.04 8.39 -2.03
CA PHE A 66 -6.54 9.46 -1.18
C PHE A 66 -7.12 10.63 -1.96
N THR A 67 -7.22 10.54 -3.28
N THR A 67 -7.25 10.51 -3.31
CA THR A 67 -8.01 11.53 -3.99
CA THR A 67 -7.76 11.59 -4.18
C THR A 67 -9.43 11.03 -4.26
C THR A 67 -9.08 11.28 -4.89
N ASN A 68 -9.60 9.76 -4.63
N ASN A 68 -9.26 10.07 -5.46
CA ASN A 68 -10.88 9.24 -5.04
CA ASN A 68 -10.53 9.67 -6.06
C ASN A 68 -11.37 8.05 -4.22
C ASN A 68 -11.27 8.62 -5.24
N HIS A 69 -10.51 7.43 -3.42
N HIS A 69 -10.60 7.97 -4.27
CA HIS A 69 -10.90 6.36 -2.50
CA HIS A 69 -11.24 7.18 -3.22
C HIS A 69 -11.58 5.20 -3.22
C HIS A 69 -11.86 5.89 -3.73
N ASN A 70 -11.29 5.03 -4.52
N ASN A 70 -11.30 5.29 -4.78
CA ASN A 70 -11.96 4.01 -5.31
CA ASN A 70 -11.94 4.12 -5.37
C ASN A 70 -11.03 3.28 -6.28
C ASN A 70 -11.04 3.31 -6.30
N GLY A 71 -9.75 3.59 -6.29
CA GLY A 71 -8.81 2.89 -7.16
C GLY A 71 -8.48 3.59 -8.46
N THR A 72 -9.07 4.75 -8.72
CA THR A 72 -8.77 5.49 -9.94
C THR A 72 -7.82 6.65 -9.72
N GLY A 73 -7.44 6.96 -8.46
CA GLY A 73 -6.74 8.19 -8.15
C GLY A 73 -5.45 7.98 -7.37
N GLY A 74 -5.12 8.99 -6.57
CA GLY A 74 -3.84 9.06 -5.91
C GLY A 74 -2.85 9.89 -6.71
N LYS A 75 -1.75 10.25 -6.05
CA LYS A 75 -0.67 11.00 -6.69
C LYS A 75 0.59 10.81 -5.87
N SER A 76 1.73 11.02 -6.52
CA SER A 76 3.03 10.85 -5.86
C SER A 76 3.56 12.18 -5.37
N ILE A 77 4.65 12.11 -4.60
CA ILE A 77 5.34 13.32 -4.17
C ILE A 77 6.12 13.96 -5.30
N TYR A 78 6.24 13.31 -6.46
CA TYR A 78 6.99 13.82 -7.59
C TYR A 78 6.09 14.41 -8.68
N GLY A 79 4.78 14.35 -8.53
CA GLY A 79 3.85 14.72 -9.57
C GLY A 79 2.79 13.67 -9.72
N SER A 80 2.01 13.78 -10.79
CA SER A 80 0.83 12.92 -10.93
C SER A 80 1.20 11.44 -11.01
N ARG A 81 2.37 11.13 -11.53
CA ARG A 81 2.83 9.74 -11.60
C ARG A 81 4.35 9.77 -11.75
N PHE A 82 4.99 8.63 -11.48
CA PHE A 82 6.41 8.49 -11.75
C PHE A 82 6.71 7.13 -12.38
N PRO A 83 7.81 7.04 -13.13
CA PRO A 83 8.12 5.78 -13.83
C PRO A 83 8.48 4.64 -12.88
N ASP A 84 8.38 3.43 -13.42
CA ASP A 84 8.83 2.25 -12.68
C ASP A 84 10.33 2.33 -12.46
N GLU A 85 10.75 2.37 -11.20
CA GLU A 85 12.16 2.62 -10.89
C GLU A 85 13.04 1.46 -11.31
N ASN A 86 12.65 0.25 -10.91
CA ASN A 86 13.25 -1.00 -11.36
C ASN A 86 12.26 -2.09 -10.97
N PHE A 87 12.52 -3.31 -11.44
CA PHE A 87 11.72 -4.47 -11.06
C PHE A 87 12.58 -5.49 -10.33
N THR A 88 13.57 -5.00 -9.61
CA THR A 88 14.56 -5.88 -8.99
C THR A 88 13.93 -6.82 -7.98
N LEU A 89 13.18 -6.29 -7.02
CA LEU A 89 12.55 -7.12 -6.00
C LEU A 89 11.31 -7.78 -6.56
N LYS A 90 11.06 -9.00 -6.13
CA LYS A 90 10.00 -9.83 -6.69
C LYS A 90 8.89 -10.07 -5.67
N HIS A 91 7.76 -10.55 -6.18
CA HIS A 91 6.59 -10.86 -5.38
C HIS A 91 6.81 -12.27 -4.84
N VAL A 92 7.53 -12.35 -3.72
CA VAL A 92 8.03 -13.62 -3.20
C VAL A 92 7.04 -14.38 -2.32
N GLY A 93 6.01 -13.72 -1.81
CA GLY A 93 5.11 -14.34 -0.88
C GLY A 93 4.25 -13.33 -0.15
N PRO A 94 3.53 -13.80 0.86
CA PRO A 94 2.76 -12.88 1.69
C PRO A 94 3.66 -11.84 2.34
N GLY A 95 3.11 -10.65 2.53
CA GLY A 95 3.81 -9.57 3.20
C GLY A 95 4.54 -8.63 2.28
N VAL A 96 4.65 -8.95 1.00
CA VAL A 96 5.29 -8.05 0.05
C VAL A 96 4.48 -6.76 -0.08
N LEU A 97 5.19 -5.64 -0.06
CA LEU A 97 4.63 -4.31 -0.27
C LEU A 97 5.07 -3.84 -1.66
N SER A 98 4.11 -3.46 -2.50
CA SER A 98 4.36 -3.22 -3.90
C SER A 98 3.46 -2.10 -4.40
N MET A 99 3.87 -1.46 -5.49
CA MET A 99 3.09 -0.33 -6.01
C MET A 99 1.96 -0.82 -6.91
N ALA A 100 0.74 -0.35 -6.63
CA ALA A 100 -0.34 -0.48 -7.60
C ALA A 100 -0.03 0.43 -8.78
N ASN A 101 -0.67 0.17 -9.92
CA ASN A 101 -0.48 1.04 -11.07
C ASN A 101 -1.63 0.81 -12.04
N ALA A 102 -1.65 1.61 -13.10
CA ALA A 102 -2.59 1.46 -14.20
C ALA A 102 -1.80 1.16 -15.48
N GLY A 103 -0.86 0.24 -15.38
CA GLY A 103 0.00 -0.09 -16.49
C GLY A 103 1.39 0.50 -16.29
N PRO A 104 2.22 0.40 -17.32
CA PRO A 104 3.60 0.85 -17.17
C PRO A 104 3.71 2.32 -16.78
N ASN A 105 4.65 2.60 -15.89
CA ASN A 105 5.05 3.97 -15.56
C ASN A 105 3.90 4.83 -15.04
N THR A 106 3.08 4.26 -14.17
CA THR A 106 1.95 4.98 -13.59
C THR A 106 1.91 4.81 -12.08
N ASN A 107 3.06 4.89 -11.42
CA ASN A 107 3.09 4.87 -9.97
C ASN A 107 2.66 6.22 -9.42
N GLY A 108 1.73 6.21 -8.48
CA GLY A 108 1.31 7.43 -7.81
C GLY A 108 1.46 7.27 -6.32
N SER A 109 0.36 6.98 -5.64
CA SER A 109 0.34 6.66 -4.23
C SER A 109 -0.26 5.30 -3.92
N GLN A 110 -1.05 4.72 -4.82
CA GLN A 110 -1.70 3.46 -4.46
C GLN A 110 -0.68 2.34 -4.34
N PHE A 111 -0.93 1.45 -3.38
CA PHE A 111 -0.02 0.38 -3.04
C PHE A 111 -0.82 -0.83 -2.61
N PHE A 112 -0.12 -1.97 -2.48
CA PHE A 112 -0.78 -3.17 -2.01
C PHE A 112 0.16 -4.00 -1.17
N ILE A 113 -0.44 -4.77 -0.27
CA ILE A 113 0.25 -5.74 0.57
C ILE A 113 -0.28 -7.11 0.19
N CYS A 114 0.62 -8.00 -0.22
CA CYS A 114 0.23 -9.31 -0.69
C CYS A 114 -0.12 -10.24 0.45
N THR A 115 -1.09 -11.12 0.22
CA THR A 115 -1.41 -12.17 1.17
C THR A 115 -1.08 -13.56 0.62
N ILE A 116 -0.48 -13.62 -0.55
CA ILE A 116 -0.01 -14.84 -1.21
C ILE A 116 1.16 -14.43 -2.08
N LYS A 117 1.89 -15.40 -2.62
CA LYS A 117 2.93 -15.14 -3.61
C LYS A 117 2.26 -14.71 -4.93
N THR A 118 2.42 -13.46 -5.31
CA THR A 118 1.79 -12.92 -6.51
C THR A 118 2.80 -12.77 -7.65
N ASP A 119 3.41 -13.90 -8.01
CA ASP A 119 4.54 -13.91 -8.92
C ASP A 119 4.18 -13.39 -10.32
N TRP A 120 2.91 -13.51 -10.72
CA TRP A 120 2.49 -13.00 -12.02
C TRP A 120 2.57 -11.49 -12.12
N LEU A 121 2.78 -10.78 -11.02
CA LEU A 121 2.99 -9.34 -11.03
C LEU A 121 4.47 -8.95 -11.17
N ASP A 122 5.38 -9.92 -11.16
CA ASP A 122 6.79 -9.63 -11.32
C ASP A 122 7.04 -8.92 -12.64
N GLY A 123 7.81 -7.84 -12.61
CA GLY A 123 8.11 -7.09 -13.81
C GLY A 123 7.02 -6.15 -14.24
N LYS A 124 5.90 -6.13 -13.53
CA LYS A 124 4.78 -5.24 -13.82
C LYS A 124 4.52 -4.27 -12.70
N HIS A 125 4.73 -4.67 -11.45
CA HIS A 125 4.55 -3.82 -10.29
C HIS A 125 5.86 -3.73 -9.53
N VAL A 126 6.22 -2.53 -9.10
CA VAL A 126 7.48 -2.28 -8.40
C VAL A 126 7.33 -2.65 -6.93
N VAL A 127 8.04 -3.67 -6.51
CA VAL A 127 8.13 -4.08 -5.11
C VAL A 127 9.11 -3.17 -4.38
N PHE A 128 8.73 -2.72 -3.18
CA PHE A 128 9.57 -1.76 -2.48
C PHE A 128 9.59 -1.94 -0.97
N GLY A 129 8.99 -3.00 -0.44
CA GLY A 129 9.05 -3.18 0.99
C GLY A 129 8.43 -4.48 1.42
N HIS A 130 8.31 -4.66 2.73
CA HIS A 130 7.79 -5.91 3.27
C HIS A 130 7.26 -5.67 4.68
N VAL A 131 6.25 -6.44 5.05
CA VAL A 131 5.72 -6.39 6.41
C VAL A 131 6.70 -7.07 7.34
N ILE A 132 7.07 -6.38 8.43
CA ILE A 132 7.94 -6.98 9.41
C ILE A 132 7.25 -7.23 10.74
N GLU A 133 6.10 -6.63 10.99
CA GLU A 133 5.29 -6.93 12.16
C GLU A 133 3.86 -6.54 11.79
N GLY A 134 2.91 -7.25 12.39
CA GLY A 134 1.51 -6.97 12.12
C GLY A 134 0.95 -7.64 10.89
N MET A 135 1.57 -8.72 10.42
CA MET A 135 0.93 -9.50 9.36
C MET A 135 -0.45 -9.99 9.79
N ASP A 136 -0.65 -10.23 11.09
CA ASP A 136 -1.97 -10.62 11.56
C ASP A 136 -2.99 -9.53 11.33
N VAL A 137 -2.58 -8.26 11.39
CA VAL A 137 -3.47 -7.16 11.04
C VAL A 137 -3.83 -7.22 9.56
N VAL A 138 -2.84 -7.48 8.70
CA VAL A 138 -3.12 -7.64 7.27
C VAL A 138 -4.12 -8.77 7.04
N LYS A 139 -3.98 -9.88 7.76
CA LYS A 139 -4.93 -10.98 7.60
C LYS A 139 -6.32 -10.57 8.06
N LYS A 140 -6.43 -9.71 9.08
CA LYS A 140 -7.74 -9.20 9.47
C LYS A 140 -8.34 -8.36 8.37
N ILE A 141 -7.54 -7.47 7.77
CA ILE A 141 -8.02 -6.70 6.64
C ILE A 141 -8.53 -7.64 5.55
N GLU A 142 -7.71 -8.63 5.19
CA GLU A 142 -8.08 -9.58 4.15
C GLU A 142 -9.42 -10.24 4.44
N SER A 143 -9.70 -10.53 5.71
CA SER A 143 -10.93 -11.22 6.07
C SER A 143 -12.18 -10.39 5.78
N PHE A 144 -12.03 -9.09 5.57
CA PHE A 144 -13.16 -8.22 5.25
C PHE A 144 -13.25 -7.90 3.77
N GLY A 145 -12.47 -8.58 2.94
CA GLY A 145 -12.54 -8.41 1.50
C GLY A 145 -13.54 -9.35 0.87
N SER A 146 -13.53 -9.39 -0.45
CA SER A 146 -14.50 -10.16 -1.22
C SER A 146 -13.85 -10.44 -2.57
N LYS A 147 -14.46 -11.35 -3.33
CA LYS A 147 -13.87 -11.68 -4.63
C LYS A 147 -13.83 -10.48 -5.55
N SER A 148 -14.80 -9.57 -5.44
CA SER A 148 -14.78 -8.37 -6.26
C SER A 148 -13.80 -7.33 -5.74
N GLY A 149 -13.37 -7.47 -4.49
CA GLY A 149 -12.54 -6.48 -3.84
C GLY A 149 -13.30 -5.52 -2.95
N ARG A 150 -14.61 -5.45 -3.08
CA ARG A 150 -15.39 -4.58 -2.20
C ARG A 150 -15.28 -5.08 -0.77
N THR A 151 -15.07 -4.17 0.17
CA THR A 151 -14.91 -4.54 1.57
C THR A 151 -16.24 -4.58 2.31
N SER A 152 -16.31 -5.52 3.27
CA SER A 152 -17.46 -5.78 4.13
C SER A 152 -17.60 -4.76 5.24
N LYS A 153 -16.50 -4.07 5.56
CA LYS A 153 -16.47 -3.01 6.56
C LYS A 153 -15.59 -1.91 6.00
N LYS A 154 -15.69 -0.74 6.62
CA LYS A 154 -14.88 0.40 6.19
C LYS A 154 -13.51 0.26 6.84
N ILE A 155 -12.50 0.02 6.01
CA ILE A 155 -11.13 -0.22 6.47
C ILE A 155 -10.34 1.06 6.26
N VAL A 156 -9.92 1.69 7.36
CA VAL A 156 -9.37 3.04 7.31
C VAL A 156 -7.98 3.06 7.96
N ILE A 157 -7.04 3.71 7.29
CA ILE A 157 -5.72 4.02 7.87
C ILE A 157 -5.92 5.26 8.75
N THR A 158 -6.11 5.05 10.05
CA THR A 158 -6.40 6.16 10.95
C THR A 158 -5.15 6.99 11.27
N ASP A 159 -3.98 6.38 11.21
CA ASP A 159 -2.72 7.09 11.41
C ASP A 159 -1.63 6.32 10.69
N CYS A 160 -0.55 7.03 10.37
CA CYS A 160 0.61 6.43 9.74
C CYS A 160 1.77 7.40 9.90
N GLY A 161 2.98 6.89 9.69
CA GLY A 161 4.14 7.70 9.92
C GLY A 161 5.40 6.86 9.89
N GLN A 162 6.50 7.49 10.29
CA GLN A 162 7.80 6.85 10.29
C GLN A 162 8.17 6.47 11.72
N LEU A 163 8.72 5.28 11.87
CA LEU A 163 9.19 4.79 13.15
C LEU A 163 10.67 5.10 13.27
C10 I44 B . -9.17 -2.81 -10.94
C13 I44 B . -8.75 0.58 -12.54
C15 I44 B . -9.82 0.71 -10.26
C17 I44 B . -8.78 1.17 -13.95
C20 I44 B . -9.18 4.97 -13.99
C21 I44 B . -7.89 5.40 -13.82
C22 I44 B . -6.88 4.47 -13.68
C24 I44 B . -7.25 0.28 -12.16
C26 I44 B . -5.37 0.52 -10.59
C28 I44 B . -4.18 2.64 -9.85
C02 I44 B . -5.34 -10.17 -10.77
C03 I44 B . -5.77 -8.85 -11.37
C04 I44 B . -6.30 -9.08 -12.78
C05 I44 B . -6.60 -7.79 -13.57
C07 I44 B . -7.04 -5.55 -12.51
C08 I44 B . -7.98 -4.79 -11.61
C09 I44 B . -8.28 -3.57 -11.89
C12 I44 B . -9.25 -0.82 -12.62
C14 I44 B . -9.49 1.36 -11.55
C16 I44 B . -10.45 -0.68 -10.41
C18 I44 B . -8.46 2.67 -13.91
C19 I44 B . -9.47 3.61 -14.03
C23 I44 B . -7.15 3.11 -13.74
C27 I44 B . -4.88 1.35 -9.44
C29 I44 B . -4.82 3.63 -10.61
C30 I44 B . -4.15 4.82 -10.91
C31 I44 B . -2.86 5.00 -10.43
C32 I44 B . -2.04 6.26 -10.70
C33 I44 B . -2.08 6.94 -12.05
C34 I44 B . -2.50 6.26 -13.18
C35 I44 B . -2.49 6.90 -14.40
C36 I44 B . -2.06 8.21 -14.50
C37 I44 B . -1.63 8.88 -13.37
C38 I44 B . -1.62 8.24 -12.14
C40 I44 B . -2.25 4.02 -9.68
C41 I44 B . -2.90 2.85 -9.39
C42 I44 B . -5.53 -0.94 -10.11
C48 I44 B . -4.60 -6.80 -10.62
C49 I44 B . -3.38 -5.92 -10.82
C50 I44 B . -3.15 -5.07 -9.59
C51 I44 B . -3.75 -3.83 -9.39
C52 I44 B . -4.71 -3.27 -10.40
C54 I44 B . -3.49 -3.14 -8.23
C55 I44 B . -2.66 -3.66 -7.27
C56 I44 B . -2.05 -4.88 -7.46
C57 I44 B . -2.30 -5.58 -8.62
C60 I44 B . -6.00 -12.13 -9.34
C61 I44 B . -7.27 -12.78 -8.80
C63 I44 B . -7.87 -13.69 -6.71
C64 I44 B . -7.54 -14.82 -5.75
N06 I44 B . -7.42 -6.91 -12.77
N11 I44 B . -9.56 -1.50 -11.29
N25 I44 B . -6.70 0.89 -10.99
N47 I44 B . -4.64 -7.96 -11.43
N53 I44 B . -4.61 -1.86 -10.66
N59 I44 B . -6.32 -10.87 -9.99
N65 I44 B . -8.59 -14.98 -4.76
O01 I44 B . -4.22 -10.58 -10.94
O39 I44 B . -1.31 6.67 -9.85
O43 I44 B . -6.37 -1.29 -9.31
O44 I44 B . -6.58 -0.46 -12.81
O45 I44 B . -9.51 -3.26 -9.89
O46 I44 B . -6.05 -5.06 -12.95
O58 I44 B . -5.47 -6.55 -9.84
O62 I44 B . -6.95 -13.68 -7.78
H151 I44 B . -10.44 1.28 -9.78
H152 I44 B . -9.00 0.62 -9.75
H171 I44 B . -8.12 0.73 -14.50
H172 I44 B . -9.66 1.06 -14.33
H201 I44 B . -9.86 5.58 -14.07
H211 I44 B . -7.70 6.30 -13.80
H221 I44 B . -5.99 4.75 -13.55
H261 I44 B . -4.73 0.65 -11.30
H031 I44 B . -6.47 -8.47 -10.82
H042 I44 B . -5.65 -9.60 -13.27
H041 I44 B . -7.14 -9.59 -12.72
H052 I44 B . -5.77 -7.35 -13.78
H051 I44 B . -7.07 -8.01 -14.39
H081 I44 B . -8.35 -5.21 -10.87
H091 I44 B . -7.95 -3.16 -12.66
H122 I44 B . -8.59 -1.36 -13.07
H121 I44 B . -10.07 -0.83 -13.14
H142 I44 B . -10.33 1.62 -11.96
H141 I44 B . -8.97 2.15 -11.34
H162 I44 B . -10.53 -1.09 -9.54
H161 I44 B . -11.33 -0.59 -10.81
H191 I44 B . -10.34 3.33 -14.14
H231 I44 B . -6.47 2.49 -13.66
H272 I44 B . -4.26 0.81 -8.93
H271 I44 B . -5.64 1.58 -8.88
H291 I44 B . -5.68 3.49 -10.91
H301 I44 B . -4.57 5.47 -11.42
H341 I44 B . -2.79 5.39 -13.10
H351 I44 B . -2.79 6.45 -15.16
H361 I44 B . -2.05 8.64 -15.32
H371 I44 B . -1.34 9.76 -13.44
H381 I44 B . -1.32 8.69 -11.39
H401 I44 B . -1.38 4.15 -9.38
H411 I44 B . -2.48 2.20 -8.87
H491 I44 B . -3.52 -5.34 -11.58
H492 I44 B . -2.61 -6.47 -10.98
H522 I44 B . -4.56 -3.73 -11.23
H521 I44 B . -5.60 -3.44 -10.08
H541 I44 B . -3.87 -2.30 -8.09
H551 I44 B . -2.50 -3.18 -6.48
H561 I44 B . -1.48 -5.24 -6.81
H571 I44 B . -1.88 -6.39 -8.77
H602 I44 B . -5.38 -11.97 -8.61
H601 I44 B . -5.58 -12.72 -9.99
H611 I44 B . -7.73 -13.24 -9.52
H612 I44 B . -7.86 -12.09 -8.45
H632 I44 B . -8.76 -13.82 -7.07
H631 I44 B . -7.81 -12.84 -6.26
H641 I44 B . -6.70 -14.63 -5.30
H642 I44 B . -7.44 -15.65 -6.26
H061 I44 B . -8.15 -7.21 -12.43
H251 I44 B . -7.16 1.48 -10.55
H471 I44 B . -3.98 -8.14 -11.95
H531 I44 B . -3.98 -1.57 -11.17
H591 I44 B . -7.11 -10.53 -9.91
H651 I44 B . -9.07 -14.23 -4.71
H652 I44 B . -8.23 -15.17 -3.97
#